data_5ZZX
#
_entry.id   5ZZX
#
_cell.length_a   138.134
_cell.length_b   138.134
_cell.length_c   112.416
_cell.angle_alpha   90.00
_cell.angle_beta   90.00
_cell.angle_gamma   90.00
#
_symmetry.space_group_name_H-M   'I 4 2 2'
#
loop_
_entity.id
_entity.type
_entity.pdbx_description
1 polymer '4-hydroxymandelate oxidase'
2 non-polymer 'FLAVIN MONONUCLEOTIDE'
3 non-polymer '(R)-MANDELIC ACID'
4 water water
#
_entity_poly.entity_id   1
_entity_poly.type   'polypeptide(L)'
_entity_poly.pdbx_seq_one_letter_code
;MGSSHHHHHHSSGLVPRGSHMTYVSLADLERAARDVLPGEIFDFLAGGSGTEASLVANRTALERVFVIPRMLRDLTDVTT
EIDIFGRRAALPMAVAPVAYQRLFHPEGELAVARAARDAGVPYTICTLSSVSLEEIAAVGGRPWFQLFWLRDEKRSLDLV
RRAEDAGCEAIVFTVDVPWMGRRLRDMRNGFALPEWVTAANFDAGTAAHRRTQGVSAVADHTAREFAPATWESVEAVRAH
TDLPVVLKGILAVEDARRAVDAGAGGIVVSNHGGRQLDGAVPGIEMLGEIVAAVSGGCEVLVDGGIRSGGDVLKATALGA
SAVLVGRPVMWALAAAGQDGVRQLLELLAEEVRDAMGLAGCESVGAARRLNTKLGVV
;
_entity_poly.pdbx_strand_id   A
#
# COMPACT_ATOMS: atom_id res chain seq x y z
N THR A 22 12.29 -21.66 4.14
CA THR A 22 13.13 -20.68 3.36
C THR A 22 12.42 -20.26 2.05
N TYR A 23 11.86 -19.06 2.05
CA TYR A 23 11.11 -18.56 0.90
C TYR A 23 12.11 -17.80 0.07
N VAL A 24 12.14 -18.01 -1.25
CA VAL A 24 13.16 -17.30 -2.08
C VAL A 24 12.49 -16.30 -3.02
N SER A 25 11.16 -16.28 -3.02
CA SER A 25 10.37 -15.29 -3.79
C SER A 25 9.01 -15.09 -3.05
N LEU A 26 8.30 -14.01 -3.42
CA LEU A 26 7.00 -13.73 -2.78
C LEU A 26 6.00 -14.75 -3.16
N ALA A 27 6.15 -15.39 -4.34
CA ALA A 27 5.22 -16.44 -4.78
C ALA A 27 5.29 -17.68 -3.93
N ASP A 28 6.44 -17.95 -3.32
CA ASP A 28 6.51 -19.07 -2.35
C ASP A 28 5.51 -18.82 -1.21
N LEU A 29 5.37 -17.55 -0.80
CA LEU A 29 4.42 -17.31 0.31
C LEU A 29 2.94 -17.48 -0.11
N GLU A 30 2.56 -17.14 -1.35
N GLU A 30 2.63 -17.15 -1.34
CA GLU A 30 1.16 -17.31 -1.77
CA GLU A 30 1.28 -17.29 -1.80
C GLU A 30 0.81 -18.77 -1.70
C GLU A 30 0.85 -18.74 -1.72
N ARG A 31 1.75 -19.64 -2.12
CA ARG A 31 1.50 -21.09 -2.11
C ARG A 31 1.29 -21.54 -0.67
N ALA A 32 2.15 -21.06 0.22
CA ALA A 32 1.99 -21.43 1.64
C ALA A 32 0.63 -20.92 2.23
N ALA A 33 0.19 -19.72 1.86
CA ALA A 33 -1.05 -19.22 2.42
C ALA A 33 -2.29 -19.93 1.87
N ARG A 34 -2.22 -20.35 0.61
CA ARG A 34 -3.37 -21.06 0.06
C ARG A 34 -3.56 -22.40 0.76
N ASP A 35 -2.45 -23.04 1.07
CA ASP A 35 -2.55 -24.31 1.84
C ASP A 35 -3.27 -24.13 3.16
N VAL A 36 -2.94 -23.10 3.93
CA VAL A 36 -3.49 -22.96 5.27
C VAL A 36 -4.89 -22.33 5.40
N LEU A 37 -5.23 -21.33 4.56
CA LEU A 37 -6.42 -20.60 4.83
C LEU A 37 -7.63 -21.34 4.30
N PRO A 38 -8.75 -21.18 4.97
CA PRO A 38 -10.03 -21.60 4.45
C PRO A 38 -10.26 -20.94 3.10
N GLY A 39 -10.84 -21.66 2.17
CA GLY A 39 -11.11 -21.14 0.84
C GLY A 39 -11.76 -19.78 0.75
N GLU A 40 -12.77 -19.53 1.57
CA GLU A 40 -13.52 -18.34 1.44
C GLU A 40 -12.67 -17.16 1.92
N ILE A 41 -11.79 -17.41 2.89
CA ILE A 41 -10.91 -16.35 3.37
C ILE A 41 -9.80 -16.09 2.34
N PHE A 42 -9.22 -17.10 1.73
CA PHE A 42 -8.27 -16.91 0.65
C PHE A 42 -8.94 -16.10 -0.48
N ASP A 43 -10.17 -16.42 -0.79
CA ASP A 43 -10.90 -15.65 -1.82
C ASP A 43 -11.15 -14.23 -1.45
N PHE A 44 -11.52 -13.90 -0.21
CA PHE A 44 -11.68 -12.53 0.26
C PHE A 44 -10.36 -11.78 -0.02
N LEU A 45 -9.25 -12.40 0.32
CA LEU A 45 -7.93 -11.79 0.13
C LEU A 45 -7.55 -11.65 -1.33
N ALA A 46 -7.69 -12.70 -2.11
CA ALA A 46 -7.17 -12.74 -3.52
C ALA A 46 -8.04 -11.96 -4.49
N GLY A 47 -9.33 -12.00 -4.27
CA GLY A 47 -10.30 -11.53 -5.26
C GLY A 47 -10.24 -10.06 -5.62
N GLY A 48 -10.98 -9.79 -6.71
CA GLY A 48 -11.20 -8.41 -7.20
C GLY A 48 -12.67 -8.27 -7.49
N SER A 49 -13.05 -7.14 -8.08
CA SER A 49 -14.42 -6.86 -8.45
C SER A 49 -14.69 -7.39 -9.84
N GLY A 50 -15.99 -7.63 -10.08
CA GLY A 50 -16.39 -7.98 -11.43
C GLY A 50 -15.73 -9.17 -12.06
N THR A 51 -15.21 -9.01 -13.27
CA THR A 51 -14.50 -10.07 -13.98
C THR A 51 -13.02 -10.19 -13.59
N GLU A 52 -12.58 -9.33 -12.66
CA GLU A 52 -11.22 -9.26 -12.19
C GLU A 52 -10.23 -8.79 -13.26
N ALA A 53 -10.76 -8.02 -14.21
CA ALA A 53 -9.89 -7.46 -15.25
C ALA A 53 -8.82 -6.50 -14.71
N SER A 54 -9.20 -5.65 -13.75
CA SER A 54 -8.23 -4.72 -13.20
C SER A 54 -7.23 -5.44 -12.32
N LEU A 55 -7.68 -6.46 -11.61
CA LEU A 55 -6.72 -7.26 -10.81
C LEU A 55 -5.63 -7.90 -11.68
N VAL A 56 -6.01 -8.51 -12.79
CA VAL A 56 -5.07 -9.10 -13.71
C VAL A 56 -4.20 -8.03 -14.37
N ALA A 57 -4.84 -6.89 -14.75
CA ALA A 57 -4.07 -5.87 -15.39
C ALA A 57 -2.96 -5.26 -14.56
N ASN A 58 -3.16 -5.24 -13.23
CA ASN A 58 -2.05 -4.76 -12.39
C ASN A 58 -0.76 -5.55 -12.62
N ARG A 59 -0.89 -6.86 -12.78
CA ARG A 59 0.27 -7.69 -13.05
C ARG A 59 0.78 -7.55 -14.44
N THR A 60 -0.15 -7.54 -15.41
N THR A 60 -0.13 -7.55 -15.42
CA THR A 60 0.22 -7.31 -16.79
CA THR A 60 0.33 -7.48 -16.78
C THR A 60 1.01 -6.10 -16.99
C THR A 60 0.94 -6.08 -17.10
N ALA A 61 0.57 -4.99 -16.40
CA ALA A 61 1.19 -3.71 -16.60
C ALA A 61 2.61 -3.73 -16.06
N LEU A 62 2.88 -4.34 -14.91
CA LEU A 62 4.25 -4.39 -14.40
C LEU A 62 5.13 -5.28 -15.29
N GLU A 63 4.57 -6.37 -15.74
CA GLU A 63 5.32 -7.32 -16.56
C GLU A 63 5.76 -6.72 -17.89
N ARG A 64 5.05 -5.69 -18.42
CA ARG A 64 5.41 -5.09 -19.68
C ARG A 64 6.50 -4.02 -19.51
N VAL A 65 6.83 -3.62 -18.30
CA VAL A 65 7.82 -2.56 -18.05
C VAL A 65 9.22 -3.19 -17.95
N PHE A 66 10.17 -2.73 -18.74
CA PHE A 66 11.57 -3.16 -18.58
C PHE A 66 12.39 -2.01 -18.17
N VAL A 67 13.38 -2.22 -17.32
CA VAL A 67 14.34 -1.23 -16.88
C VAL A 67 15.55 -1.15 -17.76
N ILE A 68 16.09 0.03 -18.00
CA ILE A 68 17.37 0.19 -18.73
C ILE A 68 18.41 0.45 -17.67
N PRO A 69 19.15 -0.58 -17.21
CA PRO A 69 20.11 -0.37 -16.12
C PRO A 69 21.31 0.41 -16.51
N ARG A 70 21.96 1.07 -15.58
CA ARG A 70 23.22 1.76 -15.75
C ARG A 70 24.36 0.92 -15.14
N MET A 71 25.53 1.05 -15.72
CA MET A 71 26.68 0.26 -15.31
C MET A 71 27.80 1.15 -14.81
N LEU A 72 28.69 0.50 -14.05
CA LEU A 72 30.00 1.11 -13.73
C LEU A 72 29.91 2.34 -12.80
N ARG A 73 28.83 2.37 -12.03
CA ARG A 73 28.68 3.42 -11.01
C ARG A 73 29.22 2.95 -9.66
N ASP A 74 29.55 3.93 -8.81
CA ASP A 74 30.01 3.64 -7.44
C ASP A 74 28.88 3.04 -6.60
N LEU A 75 29.10 1.85 -6.07
CA LEU A 75 28.14 1.13 -5.27
C LEU A 75 28.76 0.84 -3.90
N THR A 76 29.66 1.70 -3.46
CA THR A 76 30.32 1.45 -2.19
C THR A 76 29.34 1.48 -1.05
N ASP A 77 28.35 2.38 -1.13
CA ASP A 77 27.40 2.56 0.01
C ASP A 77 25.96 2.55 -0.49
N VAL A 78 25.56 1.44 -1.07
CA VAL A 78 24.15 1.35 -1.61
C VAL A 78 23.23 1.47 -0.39
N THR A 79 22.21 2.32 -0.50
CA THR A 79 21.22 2.45 0.53
C THR A 79 19.85 2.44 -0.09
N THR A 80 18.99 1.66 0.53
CA THR A 80 17.56 1.58 0.14
C THR A 80 16.66 2.52 0.94
N GLU A 81 17.20 3.39 1.76
CA GLU A 81 16.42 4.25 2.63
C GLU A 81 15.80 5.40 1.90
N ILE A 82 14.66 5.87 2.38
CA ILE A 82 14.09 7.09 1.94
C ILE A 82 13.66 7.95 3.15
N ASP A 83 13.41 9.20 2.92
CA ASP A 83 12.71 10.07 3.86
C ASP A 83 11.35 10.34 3.32
N ILE A 84 10.34 10.12 4.15
CA ILE A 84 8.99 10.35 3.71
C ILE A 84 8.13 10.77 4.90
N PHE A 85 7.32 11.82 4.68
CA PHE A 85 6.35 12.32 5.76
C PHE A 85 7.13 12.54 7.03
N GLY A 86 8.36 13.04 6.89
CA GLY A 86 9.23 13.40 7.99
C GLY A 86 10.04 12.32 8.67
N ARG A 87 9.95 11.07 8.24
CA ARG A 87 10.66 9.96 8.91
C ARG A 87 11.49 9.23 7.88
N ARG A 88 12.58 8.65 8.34
CA ARG A 88 13.39 7.76 7.53
C ARG A 88 12.64 6.46 7.48
N ALA A 89 12.59 5.79 6.33
CA ALA A 89 12.08 4.44 6.21
C ALA A 89 13.18 3.58 5.61
N ALA A 90 13.25 2.29 5.94
CA ALA A 90 14.34 1.42 5.51
C ALA A 90 14.36 1.04 4.06
N LEU A 91 13.18 1.13 3.46
CA LEU A 91 12.92 0.74 2.04
C LEU A 91 11.92 1.73 1.51
N PRO A 92 11.81 1.87 0.20
CA PRO A 92 10.76 2.71 -0.37
C PRO A 92 9.45 1.93 -0.47
N MET A 93 8.92 1.55 0.69
CA MET A 93 7.79 0.62 0.80
CA MET A 93 7.73 0.72 0.77
C MET A 93 7.10 0.85 2.12
N ALA A 94 5.80 0.71 2.11
CA ALA A 94 4.99 0.62 3.35
C ALA A 94 4.01 -0.53 3.18
N VAL A 95 3.49 -1.06 4.33
CA VAL A 95 2.46 -2.06 4.27
C VAL A 95 1.13 -1.37 3.97
N ALA A 96 0.44 -1.81 2.90
CA ALA A 96 -0.85 -1.24 2.52
C ALA A 96 -1.90 -1.47 3.62
N PRO A 97 -2.91 -0.62 3.68
CA PRO A 97 -4.05 -0.89 4.52
C PRO A 97 -4.81 -2.12 4.02
N VAL A 98 -4.94 -3.16 4.85
CA VAL A 98 -5.80 -4.30 4.57
C VAL A 98 -6.70 -4.54 5.77
N ALA A 99 -8.00 -4.49 5.56
CA ALA A 99 -8.98 -4.66 6.68
C ALA A 99 -8.88 -6.07 7.28
N TYR A 100 -9.23 -6.13 8.58
CA TYR A 100 -9.62 -7.42 9.25
C TYR A 100 -8.50 -8.50 9.24
N GLN A 101 -7.29 -8.13 9.68
CA GLN A 101 -6.16 -9.05 9.56
C GLN A 101 -6.22 -10.30 10.49
N ARG A 102 -7.10 -10.24 11.48
CA ARG A 102 -7.37 -11.46 12.26
C ARG A 102 -8.03 -12.53 11.46
N LEU A 103 -8.55 -12.23 10.25
CA LEU A 103 -8.99 -13.24 9.40
C LEU A 103 -7.88 -14.20 9.03
N PHE A 104 -6.63 -13.74 8.98
CA PHE A 104 -5.49 -14.49 8.44
C PHE A 104 -4.61 -15.22 9.44
N HIS A 105 -4.64 -14.72 10.65
CA HIS A 105 -3.78 -15.23 11.76
C HIS A 105 -4.36 -14.67 13.03
N PRO A 106 -4.32 -15.44 14.14
CA PRO A 106 -4.85 -14.89 15.39
C PRO A 106 -4.26 -13.64 15.97
N GLU A 107 -3.00 -13.35 15.66
CA GLU A 107 -2.37 -12.16 16.15
C GLU A 107 -2.65 -10.96 15.22
N GLY A 108 -3.22 -11.26 14.04
CA GLY A 108 -3.70 -10.17 13.11
C GLY A 108 -2.73 -9.02 13.02
N GLU A 109 -3.30 -7.83 13.15
CA GLU A 109 -2.52 -6.60 12.98
C GLU A 109 -1.31 -6.45 13.82
N LEU A 110 -1.37 -7.01 15.08
CA LEU A 110 -0.24 -6.81 15.93
C LEU A 110 1.00 -7.55 15.37
N ALA A 111 0.82 -8.74 14.82
CA ALA A 111 1.91 -9.50 14.21
C ALA A 111 2.56 -8.73 13.01
N VAL A 112 1.67 -8.17 12.20
CA VAL A 112 2.23 -7.48 11.03
C VAL A 112 2.91 -6.20 11.47
N ALA A 113 2.29 -5.43 12.40
CA ALA A 113 2.86 -4.19 12.84
C ALA A 113 4.24 -4.37 13.53
N ARG A 114 4.36 -5.45 14.32
CA ARG A 114 5.64 -5.71 14.97
C ARG A 114 6.76 -5.99 13.95
N ALA A 115 6.41 -6.84 12.98
CA ALA A 115 7.37 -7.14 11.89
C ALA A 115 7.77 -5.88 11.12
N ALA A 116 6.77 -5.06 10.78
CA ALA A 116 7.05 -3.84 10.07
C ALA A 116 7.93 -2.91 10.83
N ARG A 117 7.61 -2.71 12.12
CA ARG A 117 8.48 -1.94 12.99
C ARG A 117 9.92 -2.46 12.97
N ASP A 118 10.06 -3.78 13.11
CA ASP A 118 11.42 -4.32 13.25
C ASP A 118 12.21 -4.20 11.93
N ALA A 119 11.48 -4.14 10.80
CA ALA A 119 12.06 -3.96 9.43
C ALA A 119 12.23 -2.52 9.07
N GLY A 120 11.76 -1.56 9.85
CA GLY A 120 11.89 -0.19 9.54
C GLY A 120 10.93 0.29 8.44
N VAL A 121 9.83 -0.38 8.25
CA VAL A 121 8.92 0.08 7.22
C VAL A 121 7.62 0.52 7.83
N PRO A 122 7.01 1.59 7.32
CA PRO A 122 5.74 2.03 7.84
C PRO A 122 4.61 1.02 7.64
N TYR A 123 3.71 0.94 8.67
CA TYR A 123 2.56 0.10 8.65
C TYR A 123 1.30 0.98 8.65
N THR A 124 0.35 0.71 7.74
CA THR A 124 -0.86 1.49 7.71
C THR A 124 -1.95 0.78 8.55
N ILE A 125 -2.36 1.42 9.63
CA ILE A 125 -3.46 0.93 10.47
C ILE A 125 -4.78 1.25 9.80
N CYS A 126 -5.64 0.29 9.68
CA CYS A 126 -6.92 0.49 8.97
CA CYS A 126 -6.92 0.49 8.95
C CYS A 126 -8.03 0.99 9.85
N THR A 127 -8.94 1.79 9.30
CA THR A 127 -10.23 2.11 9.99
C THR A 127 -10.96 0.80 10.34
N LEU A 128 -10.93 -0.21 9.50
CA LEU A 128 -11.54 -1.53 9.75
C LEU A 128 -10.55 -2.55 10.30
N SER A 129 -9.66 -2.07 11.15
CA SER A 129 -8.76 -3.02 11.84
C SER A 129 -9.52 -3.93 12.83
N SER A 130 -9.03 -5.16 12.92
CA SER A 130 -9.59 -6.15 13.90
C SER A 130 -8.93 -6.09 15.26
N VAL A 131 -8.00 -5.20 15.47
CA VAL A 131 -7.43 -4.80 16.78
C VAL A 131 -7.49 -3.29 16.84
N SER A 132 -7.77 -2.63 17.96
CA SER A 132 -7.92 -1.21 18.00
C SER A 132 -6.66 -0.47 17.55
N LEU A 133 -6.87 0.69 16.93
CA LEU A 133 -5.76 1.51 16.49
C LEU A 133 -4.76 1.91 17.55
N GLU A 134 -5.28 2.11 18.81
CA GLU A 134 -4.38 2.48 19.88
C GLU A 134 -3.49 1.27 20.24
N GLU A 135 -4.03 0.05 20.26
CA GLU A 135 -3.18 -1.15 20.54
C GLU A 135 -2.11 -1.32 19.47
N ILE A 136 -2.52 -1.14 18.18
CA ILE A 136 -1.51 -1.33 17.16
C ILE A 136 -0.48 -0.21 17.21
N ALA A 137 -0.87 1.05 17.45
CA ALA A 137 0.08 2.15 17.54
C ALA A 137 1.10 1.92 18.70
N ALA A 138 0.60 1.30 19.79
CA ALA A 138 1.50 1.02 20.92
C ALA A 138 2.63 0.09 20.60
N VAL A 139 2.52 -0.71 19.56
CA VAL A 139 3.61 -1.50 19.10
C VAL A 139 4.85 -0.67 18.78
N GLY A 140 4.63 0.57 18.33
CA GLY A 140 5.73 1.47 17.97
C GLY A 140 5.92 1.54 16.48
N GLY A 141 7.12 1.85 16.06
CA GLY A 141 7.43 1.90 14.61
C GLY A 141 6.86 3.09 13.92
N ARG A 142 6.66 4.21 14.55
CA ARG A 142 5.92 5.23 13.67
C ARG A 142 4.92 4.67 12.41
N PRO A 143 3.66 4.24 12.69
CA PRO A 143 2.46 3.83 11.99
C PRO A 143 1.76 5.02 11.25
N TRP A 144 1.08 4.67 10.17
CA TRP A 144 0.14 5.58 9.49
C TRP A 144 -1.23 5.13 9.77
N PHE A 145 -2.24 5.96 9.54
CA PHE A 145 -3.63 5.60 9.78
C PHE A 145 -4.48 5.81 8.46
N GLN A 146 -5.18 4.78 8.05
CA GLN A 146 -6.07 4.84 6.88
C GLN A 146 -7.44 5.16 7.32
N LEU A 147 -8.02 6.20 6.70
CA LEU A 147 -9.39 6.67 6.96
C LEU A 147 -10.41 6.32 5.91
N PHE A 148 -11.54 5.73 6.28
CA PHE A 148 -12.76 5.72 5.50
C PHE A 148 -13.66 6.82 6.06
N TRP A 149 -14.25 7.58 5.17
CA TRP A 149 -15.21 8.64 5.60
C TRP A 149 -16.48 8.00 6.17
N LEU A 150 -16.91 8.49 7.33
CA LEU A 150 -18.10 7.93 8.00
C LEU A 150 -19.34 8.75 7.52
N ARG A 151 -20.50 8.12 7.39
CA ARG A 151 -21.75 8.86 7.13
C ARG A 151 -21.84 9.85 8.27
N ASP A 152 -21.57 9.38 9.47
CA ASP A 152 -21.58 10.28 10.61
C ASP A 152 -20.26 11.08 10.55
N GLU A 153 -20.22 12.22 9.85
CA GLU A 153 -18.92 12.96 9.72
C GLU A 153 -18.04 13.24 10.97
N LYS A 154 -18.62 13.68 12.09
CA LYS A 154 -17.74 14.18 13.15
C LYS A 154 -17.09 12.97 13.80
N ARG A 155 -17.65 11.79 13.59
CA ARG A 155 -16.99 10.60 13.93
C ARG A 155 -15.72 10.44 13.07
N SER A 156 -15.77 11.00 11.85
CA SER A 156 -14.62 10.94 10.95
C SER A 156 -13.46 11.66 11.54
N LEU A 157 -13.70 12.87 11.97
CA LEU A 157 -12.71 13.70 12.50
C LEU A 157 -12.28 13.12 13.88
N ASP A 158 -13.17 12.45 14.60
CA ASP A 158 -12.79 11.75 15.85
C ASP A 158 -11.79 10.60 15.60
N LEU A 159 -11.96 9.79 14.55
CA LEU A 159 -11.00 8.76 14.24
C LEU A 159 -9.69 9.42 13.91
N VAL A 160 -9.70 10.52 13.17
CA VAL A 160 -8.47 11.16 12.81
C VAL A 160 -7.75 11.64 14.09
N ARG A 161 -8.53 12.25 15.01
CA ARG A 161 -7.91 12.75 16.24
C ARG A 161 -7.39 11.60 17.12
N ARG A 162 -8.12 10.50 17.21
CA ARG A 162 -7.61 9.32 17.88
C ARG A 162 -6.30 8.87 17.31
N ALA A 163 -6.22 8.83 15.97
CA ALA A 163 -5.03 8.37 15.35
C ALA A 163 -3.85 9.27 15.67
N GLU A 164 -4.06 10.59 15.56
CA GLU A 164 -3.02 11.55 15.84
C GLU A 164 -2.60 11.45 17.36
N ASP A 165 -3.60 11.35 18.22
CA ASP A 165 -3.28 11.24 19.72
C ASP A 165 -2.44 10.01 19.99
N ALA A 166 -2.64 8.94 19.23
CA ALA A 166 -1.94 7.62 19.42
C ALA A 166 -0.56 7.61 18.78
N GLY A 167 -0.14 8.66 18.08
CA GLY A 167 1.15 8.77 17.44
C GLY A 167 1.25 8.36 15.97
N CYS A 168 0.09 8.27 15.31
CA CYS A 168 0.22 7.98 13.84
C CYS A 168 0.81 9.18 13.15
N GLU A 169 1.52 8.95 12.06
CA GLU A 169 2.34 9.98 11.41
C GLU A 169 1.77 10.52 10.12
N ALA A 170 0.73 9.87 9.58
CA ALA A 170 0.10 10.37 8.34
C ALA A 170 -1.29 9.82 8.32
N ILE A 171 -2.22 10.53 7.63
CA ILE A 171 -3.58 10.09 7.45
C ILE A 171 -3.71 9.67 5.97
N VAL A 172 -3.92 8.40 5.73
CA VAL A 172 -4.08 7.86 4.37
C VAL A 172 -5.59 7.83 4.15
N PHE A 173 -6.12 8.86 3.45
CA PHE A 173 -7.55 8.99 3.22
C PHE A 173 -7.89 8.16 1.96
N THR A 174 -8.62 7.09 2.08
CA THR A 174 -9.05 6.29 0.95
C THR A 174 -10.19 7.02 0.22
N VAL A 175 -9.92 7.37 -1.06
CA VAL A 175 -10.88 8.20 -1.81
C VAL A 175 -11.53 7.45 -2.95
N ASP A 176 -11.34 6.14 -3.06
CA ASP A 176 -11.91 5.33 -4.14
C ASP A 176 -13.01 4.42 -3.76
N VAL A 177 -13.56 4.60 -2.53
CA VAL A 177 -14.55 3.73 -1.96
C VAL A 177 -15.72 4.60 -1.53
N PRO A 178 -16.48 5.13 -2.52
CA PRO A 178 -17.79 5.72 -2.09
C PRO A 178 -18.72 4.66 -1.54
N TRP A 179 -18.53 3.43 -2.00
CA TRP A 179 -19.06 2.22 -1.47
C TRP A 179 -18.20 1.11 -1.94
N MET A 180 -18.31 -0.06 -1.34
CA MET A 180 -17.53 -1.20 -1.74
C MET A 180 -17.92 -1.76 -3.12
N GLY A 181 -16.94 -2.15 -3.94
CA GLY A 181 -17.17 -2.83 -5.20
C GLY A 181 -17.88 -4.16 -5.10
N ARG A 182 -18.21 -4.73 -6.23
CA ARG A 182 -18.94 -6.01 -6.33
C ARG A 182 -17.95 -7.14 -6.43
N ARG A 183 -17.68 -7.78 -5.29
CA ARG A 183 -16.71 -8.85 -5.20
C ARG A 183 -17.41 -10.18 -5.43
N LEU A 184 -17.33 -10.71 -6.65
CA LEU A 184 -18.19 -11.84 -7.00
C LEU A 184 -17.76 -13.10 -6.25
N ARG A 185 -16.47 -13.25 -5.93
CA ARG A 185 -16.08 -14.45 -5.15
C ARG A 185 -16.79 -14.42 -3.82
N ASP A 186 -16.89 -13.26 -3.20
CA ASP A 186 -17.47 -13.15 -1.86
C ASP A 186 -18.97 -13.45 -1.93
N MET A 187 -19.59 -12.95 -3.00
CA MET A 187 -21.02 -13.20 -3.22
C MET A 187 -21.25 -14.66 -3.42
N ARG A 188 -20.44 -15.30 -4.26
CA ARG A 188 -20.64 -16.71 -4.57
C ARG A 188 -20.39 -17.56 -3.35
N ASN A 189 -19.43 -17.17 -2.53
CA ASN A 189 -19.09 -17.96 -1.35
C ASN A 189 -20.05 -17.70 -0.18
N GLY A 190 -20.88 -16.67 -0.30
CA GLY A 190 -21.65 -16.14 0.82
C GLY A 190 -20.81 -15.67 1.99
N PHE A 191 -19.69 -15.02 1.70
CA PHE A 191 -18.72 -14.71 2.75
C PHE A 191 -19.20 -13.68 3.75
N ALA A 192 -18.93 -13.92 5.03
CA ALA A 192 -19.18 -12.91 6.03
C ALA A 192 -18.15 -13.08 7.14
N LEU A 193 -17.94 -12.04 7.95
CA LEU A 193 -16.93 -12.10 8.99
C LEU A 193 -17.35 -13.14 10.02
N PRO A 194 -16.42 -13.99 10.43
CA PRO A 194 -16.67 -14.84 11.56
C PRO A 194 -17.05 -14.00 12.79
N GLU A 195 -17.80 -14.59 13.70
CA GLU A 195 -18.15 -13.93 14.92
C GLU A 195 -16.91 -13.42 15.65
N TRP A 196 -15.76 -14.11 15.53
CA TRP A 196 -14.58 -13.79 16.30
C TRP A 196 -13.71 -12.65 15.66
N VAL A 197 -14.17 -12.04 14.58
CA VAL A 197 -13.47 -10.89 13.95
C VAL A 197 -14.43 -9.74 13.91
N THR A 198 -14.03 -8.62 14.49
CA THR A 198 -14.84 -7.40 14.53
C THR A 198 -14.03 -6.17 14.10
N ALA A 199 -14.77 -5.11 13.73
CA ALA A 199 -14.19 -3.78 13.50
C ALA A 199 -13.90 -3.15 14.88
N ALA A 200 -12.70 -3.37 15.37
CA ALA A 200 -12.33 -3.01 16.73
C ALA A 200 -12.25 -1.56 17.09
N ASN A 201 -12.22 -0.64 16.07
CA ASN A 201 -12.27 0.74 16.30
C ASN A 201 -13.67 1.31 16.64
N PHE A 202 -14.67 0.48 16.54
CA PHE A 202 -16.14 0.90 16.74
C PHE A 202 -16.79 0.23 17.95
N GLU A 225 -22.50 2.15 6.91
CA GLU A 225 -22.63 3.28 7.83
C GLU A 225 -21.56 4.38 7.53
N PHE A 226 -20.93 4.24 6.38
CA PHE A 226 -19.97 5.19 5.92
C PHE A 226 -20.63 5.99 4.80
N ALA A 227 -20.08 7.14 4.43
CA ALA A 227 -20.62 7.92 3.32
C ALA A 227 -19.54 8.17 2.26
N PRO A 228 -19.95 8.47 1.03
CA PRO A 228 -19.00 8.91 0.03
C PRO A 228 -18.23 10.18 0.39
N ALA A 229 -16.91 10.13 0.29
CA ALA A 229 -16.05 11.28 0.48
C ALA A 229 -16.10 12.21 -0.71
N THR A 230 -15.92 13.50 -0.44
CA THR A 230 -15.79 14.53 -1.45
C THR A 230 -14.59 15.42 -1.16
N TRP A 231 -14.26 16.35 -2.07
CA TRP A 231 -13.22 17.32 -1.83
C TRP A 231 -13.44 18.17 -0.55
N GLU A 232 -14.70 18.37 -0.19
CA GLU A 232 -15.02 19.03 1.05
CA GLU A 232 -15.07 19.00 1.07
C GLU A 232 -14.57 18.20 2.26
N SER A 233 -14.68 16.89 2.16
CA SER A 233 -14.25 15.98 3.22
C SER A 233 -12.75 16.11 3.40
N VAL A 234 -12.04 16.10 2.29
CA VAL A 234 -10.56 16.31 2.29
C VAL A 234 -10.16 17.55 3.03
N GLU A 235 -10.86 18.65 2.72
CA GLU A 235 -10.57 19.92 3.41
C GLU A 235 -10.88 19.85 4.90
N ALA A 236 -11.93 19.19 5.27
CA ALA A 236 -12.31 19.03 6.70
C ALA A 236 -11.17 18.30 7.41
N VAL A 237 -10.67 17.26 6.77
CA VAL A 237 -9.58 16.53 7.41
C VAL A 237 -8.34 17.37 7.50
N ARG A 238 -7.95 18.02 6.42
CA ARG A 238 -6.76 18.89 6.36
C ARG A 238 -6.82 19.99 7.41
N ALA A 239 -8.00 20.53 7.67
CA ALA A 239 -8.14 21.59 8.66
C ALA A 239 -8.09 21.07 10.09
N HIS A 240 -8.28 19.78 10.33
CA HIS A 240 -8.44 19.20 11.67
C HIS A 240 -7.11 18.54 12.15
N THR A 241 -6.10 18.51 11.30
CA THR A 241 -4.86 17.77 11.66
C THR A 241 -3.66 18.50 11.15
N ASP A 242 -2.56 18.36 11.89
CA ASP A 242 -1.27 18.79 11.39
C ASP A 242 -0.50 17.66 10.66
N LEU A 243 -1.06 16.46 10.66
CA LEU A 243 -0.37 15.38 9.99
C LEU A 243 -0.52 15.51 8.44
N PRO A 244 0.44 14.97 7.67
CA PRO A 244 0.24 14.93 6.24
C PRO A 244 -0.93 14.08 5.86
N VAL A 245 -1.75 14.58 4.91
CA VAL A 245 -2.90 13.87 4.40
C VAL A 245 -2.51 13.30 3.03
N VAL A 246 -2.70 12.01 2.89
CA VAL A 246 -2.31 11.26 1.69
C VAL A 246 -3.57 10.69 1.06
N LEU A 247 -3.88 11.02 -0.23
CA LEU A 247 -5.12 10.54 -0.84
C LEU A 247 -4.86 9.27 -1.61
N LYS A 248 -5.47 8.17 -1.19
CA LYS A 248 -5.19 6.88 -1.77
C LYS A 248 -6.31 6.50 -2.73
N GLY A 249 -5.92 6.19 -3.97
CA GLY A 249 -6.91 5.78 -4.99
C GLY A 249 -7.04 6.80 -6.09
N ILE A 250 -6.04 7.61 -6.33
CA ILE A 250 -6.09 8.63 -7.44
C ILE A 250 -5.57 7.98 -8.71
N LEU A 251 -6.31 8.16 -9.82
CA LEU A 251 -5.85 7.65 -11.13
C LEU A 251 -5.85 8.75 -12.21
N ALA A 252 -6.73 9.73 -12.11
CA ALA A 252 -6.78 10.77 -13.17
C ALA A 252 -5.70 11.83 -12.83
N VAL A 253 -5.05 12.31 -13.92
CA VAL A 253 -4.06 13.34 -13.77
C VAL A 253 -4.59 14.57 -13.12
N GLU A 254 -5.78 15.01 -13.55
CA GLU A 254 -6.35 16.16 -12.95
C GLU A 254 -6.71 16.03 -11.47
N ASP A 255 -7.05 14.81 -11.02
CA ASP A 255 -7.28 14.58 -9.63
C ASP A 255 -5.93 14.65 -8.82
N ALA A 256 -4.85 14.21 -9.43
CA ALA A 256 -3.52 14.35 -8.80
C ALA A 256 -3.17 15.80 -8.60
N ARG A 257 -3.41 16.60 -9.70
CA ARG A 257 -3.16 18.01 -9.55
C ARG A 257 -4.01 18.66 -8.53
N ARG A 258 -5.32 18.33 -8.50
CA ARG A 258 -6.21 18.91 -7.48
C ARG A 258 -5.81 18.51 -6.08
N ALA A 259 -5.29 17.26 -5.92
CA ALA A 259 -4.81 16.84 -4.63
C ALA A 259 -3.70 17.74 -4.10
N VAL A 260 -2.77 18.15 -4.97
CA VAL A 260 -1.71 19.05 -4.54
C VAL A 260 -2.32 20.40 -4.15
N ASP A 261 -3.20 20.89 -5.06
CA ASP A 261 -3.88 22.17 -4.76
C ASP A 261 -4.64 22.15 -3.48
N ALA A 262 -5.22 21.01 -3.09
CA ALA A 262 -5.97 20.82 -1.87
C ALA A 262 -5.12 20.65 -0.61
N GLY A 263 -3.81 20.64 -0.74
CA GLY A 263 -2.90 20.58 0.37
C GLY A 263 -2.53 19.16 0.79
N ALA A 264 -2.76 18.19 -0.09
CA ALA A 264 -2.27 16.85 0.24
C ALA A 264 -0.79 16.82 0.30
N GLY A 265 -0.27 16.00 1.23
CA GLY A 265 1.13 15.68 1.33
C GLY A 265 1.63 14.54 0.46
N GLY A 266 0.65 13.77 0.00
CA GLY A 266 0.98 12.66 -0.90
C GLY A 266 -0.27 12.13 -1.54
N ILE A 267 -0.10 11.28 -2.56
CA ILE A 267 -1.19 10.52 -3.15
C ILE A 267 -0.69 9.09 -3.33
N VAL A 268 -1.61 8.15 -3.38
CA VAL A 268 -1.30 6.79 -3.81
C VAL A 268 -2.06 6.53 -5.09
N VAL A 269 -1.30 6.36 -6.14
CA VAL A 269 -1.83 6.06 -7.49
C VAL A 269 -2.23 4.57 -7.50
N SER A 270 -3.52 4.22 -7.65
CA SER A 270 -4.03 2.95 -7.20
C SER A 270 -5.37 2.67 -7.77
N ASN A 271 -5.65 1.44 -8.15
CA ASN A 271 -7.03 0.98 -8.46
C ASN A 271 -7.54 0.06 -7.35
N HIS A 272 -6.96 0.17 -6.15
CA HIS A 272 -7.46 -0.57 -4.97
C HIS A 272 -7.28 -2.06 -5.21
N GLY A 273 -6.16 -2.47 -5.85
CA GLY A 273 -5.91 -3.89 -6.09
C GLY A 273 -6.94 -4.57 -6.89
N GLY A 274 -7.57 -3.80 -7.80
CA GLY A 274 -8.62 -4.30 -8.65
C GLY A 274 -9.89 -4.72 -7.94
N ARG A 275 -10.12 -4.15 -6.78
CA ARG A 275 -11.27 -4.50 -5.93
C ARG A 275 -12.42 -3.51 -6.00
N GLN A 276 -12.26 -2.39 -6.70
CA GLN A 276 -13.24 -1.34 -6.76
C GLN A 276 -13.85 -1.30 -8.18
N LEU A 277 -13.50 -0.30 -9.03
CA LEU A 277 -14.08 -0.35 -10.40
C LEU A 277 -13.39 -1.39 -11.25
N ASP A 278 -14.14 -2.38 -11.75
CA ASP A 278 -13.62 -3.38 -12.63
C ASP A 278 -13.50 -2.74 -14.02
N GLY A 279 -12.29 -2.63 -14.53
CA GLY A 279 -12.01 -1.84 -15.74
C GLY A 279 -11.28 -0.56 -15.44
N ALA A 280 -11.02 -0.23 -14.17
CA ALA A 280 -10.14 0.89 -13.83
C ALA A 280 -8.74 0.58 -14.29
N VAL A 281 -8.10 1.55 -14.92
CA VAL A 281 -6.69 1.49 -15.34
C VAL A 281 -5.77 1.13 -14.15
N PRO A 282 -4.74 0.34 -14.36
CA PRO A 282 -3.73 0.15 -13.27
C PRO A 282 -3.02 1.41 -12.91
N GLY A 283 -2.72 1.63 -11.63
CA GLY A 283 -1.96 2.78 -11.22
C GLY A 283 -0.61 2.90 -11.92
N ILE A 284 0.07 1.77 -12.11
CA ILE A 284 1.38 1.79 -12.77
CA ILE A 284 1.37 1.76 -12.80
C ILE A 284 1.31 2.36 -14.19
N GLU A 285 0.15 2.27 -14.84
CA GLU A 285 -0.02 2.85 -16.23
C GLU A 285 -0.23 4.36 -16.18
N MET A 286 -0.68 4.93 -15.07
CA MET A 286 -0.86 6.37 -14.88
C MET A 286 0.28 7.10 -14.25
N LEU A 287 1.17 6.32 -13.57
CA LEU A 287 2.18 6.90 -12.69
C LEU A 287 3.06 7.91 -13.33
N GLY A 288 3.63 7.60 -14.50
CA GLY A 288 4.59 8.56 -15.10
C GLY A 288 3.94 9.89 -15.44
N GLU A 289 2.76 9.82 -15.94
CA GLU A 289 2.02 11.04 -16.29
C GLU A 289 1.69 11.86 -15.07
N ILE A 290 1.29 11.18 -14.00
CA ILE A 290 0.95 11.85 -12.76
C ILE A 290 2.18 12.51 -12.11
N VAL A 291 3.28 11.76 -12.13
CA VAL A 291 4.54 12.31 -11.57
C VAL A 291 4.92 13.58 -12.28
N ALA A 292 4.81 13.57 -13.60
CA ALA A 292 5.14 14.77 -14.36
C ALA A 292 4.20 15.93 -14.03
N ALA A 293 2.92 15.65 -13.90
CA ALA A 293 1.92 16.70 -13.59
C ALA A 293 2.05 17.32 -12.24
N VAL A 294 2.44 16.57 -11.21
N VAL A 294 2.49 16.52 -11.27
CA VAL A 294 2.56 17.22 -9.89
CA VAL A 294 2.56 16.90 -9.86
C VAL A 294 3.92 17.87 -9.72
C VAL A 294 3.76 17.86 -9.59
N SER A 295 4.92 17.41 -10.49
N SER A 295 4.76 17.82 -10.49
CA SER A 295 6.21 18.09 -10.55
CA SER A 295 5.98 18.66 -10.39
C SER A 295 6.71 18.53 -9.15
C SER A 295 6.60 18.71 -8.97
N GLY A 296 6.75 17.54 -8.33
CA GLY A 296 7.31 17.53 -6.99
C GLY A 296 6.45 18.19 -5.91
N GLY A 297 5.21 18.47 -6.20
CA GLY A 297 4.31 19.12 -5.23
C GLY A 297 3.82 18.25 -4.09
N CYS A 298 3.93 16.93 -4.22
CA CYS A 298 3.60 16.00 -3.11
C CYS A 298 4.30 14.67 -3.45
N GLU A 299 4.36 13.81 -2.43
CA GLU A 299 4.91 12.46 -2.65
C GLU A 299 3.92 11.68 -3.50
N VAL A 300 4.43 10.88 -4.43
CA VAL A 300 3.56 10.05 -5.31
C VAL A 300 3.94 8.60 -5.11
N LEU A 301 3.04 7.90 -4.39
CA LEU A 301 3.19 6.45 -4.17
C LEU A 301 2.34 5.68 -5.18
N VAL A 302 2.62 4.39 -5.35
CA VAL A 302 1.83 3.55 -6.25
C VAL A 302 1.59 2.24 -5.54
N ASP A 303 0.51 1.55 -5.86
CA ASP A 303 0.35 0.19 -5.46
C ASP A 303 -0.35 -0.66 -6.49
N GLY A 304 -0.45 -1.92 -6.22
CA GLY A 304 -1.18 -2.87 -7.08
C GLY A 304 -0.23 -3.81 -7.78
N GLY A 305 -0.11 -5.03 -7.28
CA GLY A 305 0.68 -6.04 -7.96
C GLY A 305 2.15 -6.02 -7.65
N ILE A 306 2.69 -5.25 -6.72
CA ILE A 306 4.09 -5.27 -6.40
C ILE A 306 4.42 -6.65 -5.76
N ARG A 307 5.28 -7.41 -6.41
CA ARG A 307 5.55 -8.81 -5.96
C ARG A 307 7.05 -9.14 -5.90
N SER A 308 7.94 -8.16 -6.00
CA SER A 308 9.34 -8.34 -5.88
C SER A 308 10.06 -7.07 -5.74
N GLY A 309 11.35 -7.13 -5.40
CA GLY A 309 12.15 -5.95 -5.39
C GLY A 309 12.35 -5.39 -6.81
N GLY A 310 12.37 -6.22 -7.85
CA GLY A 310 12.42 -5.74 -9.16
C GLY A 310 11.19 -4.92 -9.51
N ASP A 311 10.01 -5.30 -9.00
CA ASP A 311 8.82 -4.48 -9.27
C ASP A 311 8.94 -3.15 -8.55
N VAL A 312 9.53 -3.15 -7.33
CA VAL A 312 9.76 -1.88 -6.63
C VAL A 312 10.65 -0.98 -7.49
N LEU A 313 11.71 -1.56 -8.08
CA LEU A 313 12.61 -0.79 -8.95
C LEU A 313 11.84 -0.21 -10.12
N LYS A 314 10.98 -1.03 -10.74
CA LYS A 314 10.15 -0.50 -11.89
C LYS A 314 9.38 0.69 -11.44
N ALA A 315 8.67 0.56 -10.35
CA ALA A 315 7.83 1.68 -9.80
C ALA A 315 8.65 2.90 -9.56
N THR A 316 9.83 2.76 -8.96
CA THR A 316 10.72 3.87 -8.71
CA THR A 316 10.66 3.95 -8.72
C THR A 316 11.15 4.53 -10.04
N ALA A 317 11.53 3.69 -10.99
CA ALA A 317 12.02 4.21 -12.30
C ALA A 317 10.93 4.99 -12.97
N LEU A 318 9.70 4.61 -12.75
CA LEU A 318 8.54 5.37 -13.32
C LEU A 318 8.24 6.62 -12.53
N GLY A 319 8.90 6.85 -11.43
CA GLY A 319 8.79 8.07 -10.67
C GLY A 319 8.21 7.99 -9.28
N ALA A 320 7.81 6.80 -8.83
CA ALA A 320 7.22 6.68 -7.51
C ALA A 320 8.22 7.07 -6.41
N SER A 321 7.68 7.71 -5.35
CA SER A 321 8.44 7.94 -4.13
C SER A 321 8.61 6.64 -3.34
N ALA A 322 7.59 5.80 -3.39
CA ALA A 322 7.49 4.58 -2.62
C ALA A 322 6.34 3.77 -3.12
N VAL A 323 6.23 2.51 -2.72
CA VAL A 323 5.13 1.65 -3.06
C VAL A 323 4.39 1.19 -1.80
N LEU A 324 3.18 0.76 -1.98
CA LEU A 324 2.51 -0.05 -0.92
C LEU A 324 2.47 -1.49 -1.40
N VAL A 325 2.52 -2.42 -0.42
CA VAL A 325 2.38 -3.86 -0.68
C VAL A 325 1.25 -4.43 0.19
N GLY A 326 0.23 -5.04 -0.44
CA GLY A 326 -0.91 -5.57 0.31
C GLY A 326 -0.93 -7.06 0.40
N ARG A 327 -1.47 -7.72 -0.59
CA ARG A 327 -1.67 -9.20 -0.51
C ARG A 327 -0.45 -9.97 -0.01
N PRO A 328 0.76 -9.72 -0.50
CA PRO A 328 1.90 -10.55 -0.08
C PRO A 328 2.11 -10.49 1.41
N VAL A 329 1.87 -9.34 2.03
CA VAL A 329 2.07 -9.21 3.51
C VAL A 329 1.08 -10.13 4.20
N MET A 330 -0.12 -10.29 3.70
CA MET A 330 -1.12 -11.15 4.29
C MET A 330 -0.80 -12.58 4.04
N TRP A 331 -0.23 -12.91 2.88
CA TRP A 331 0.23 -14.30 2.64
C TRP A 331 1.23 -14.71 3.70
N ALA A 332 2.17 -13.86 4.00
CA ALA A 332 3.26 -14.17 4.95
C ALA A 332 2.60 -14.29 6.33
N LEU A 333 1.72 -13.41 6.69
CA LEU A 333 1.00 -13.48 8.01
C LEU A 333 0.26 -14.79 8.10
N ALA A 334 -0.47 -15.21 7.10
CA ALA A 334 -1.25 -16.46 7.14
C ALA A 334 -0.27 -17.63 7.28
N ALA A 335 0.81 -17.59 6.54
CA ALA A 335 1.73 -18.73 6.52
C ALA A 335 2.47 -18.93 7.82
N ALA A 336 2.90 -17.87 8.46
CA ALA A 336 3.84 -18.00 9.59
C ALA A 336 3.79 -16.87 10.59
N GLY A 337 2.70 -16.10 10.65
CA GLY A 337 2.53 -15.09 11.64
C GLY A 337 3.54 -13.96 11.61
N GLN A 338 3.95 -13.42 12.73
CA GLN A 338 4.93 -12.38 12.76
C GLN A 338 6.22 -12.78 12.05
N ASP A 339 6.71 -13.99 12.35
CA ASP A 339 7.97 -14.40 11.77
CA ASP A 339 7.98 -14.41 11.78
C ASP A 339 7.87 -14.49 10.25
N GLY A 340 6.69 -14.88 9.75
CA GLY A 340 6.41 -14.91 8.31
C GLY A 340 6.53 -13.53 7.68
N VAL A 341 5.94 -12.57 8.33
CA VAL A 341 6.02 -11.19 7.81
C VAL A 341 7.43 -10.69 7.87
N ARG A 342 8.20 -10.99 8.93
CA ARG A 342 9.61 -10.64 9.01
C ARG A 342 10.35 -11.26 7.83
N GLN A 343 10.15 -12.54 7.55
CA GLN A 343 10.86 -13.16 6.46
C GLN A 343 10.53 -12.49 5.13
N LEU A 344 9.28 -12.16 4.96
CA LEU A 344 8.88 -11.47 3.69
C LEU A 344 9.58 -10.16 3.59
N LEU A 345 9.60 -9.35 4.64
CA LEU A 345 10.28 -8.05 4.59
C LEU A 345 11.78 -8.13 4.39
N GLU A 346 12.41 -9.17 4.95
CA GLU A 346 13.82 -9.39 4.73
C GLU A 346 14.10 -9.78 3.27
N LEU A 347 13.25 -10.60 2.72
CA LEU A 347 13.37 -11.04 1.30
C LEU A 347 13.17 -9.82 0.37
N LEU A 348 12.14 -9.03 0.62
CA LEU A 348 11.96 -7.82 -0.19
CA LEU A 348 11.96 -7.83 -0.17
C LEU A 348 13.12 -6.88 -0.05
N ALA A 349 13.66 -6.65 1.17
CA ALA A 349 14.82 -5.83 1.32
C ALA A 349 15.99 -6.31 0.48
N GLU A 350 16.24 -7.61 0.50
CA GLU A 350 17.34 -8.16 -0.26
C GLU A 350 17.09 -7.96 -1.76
N GLU A 351 15.87 -8.18 -2.20
CA GLU A 351 15.59 -8.04 -3.64
C GLU A 351 15.70 -6.61 -4.07
N VAL A 352 15.26 -5.65 -3.23
CA VAL A 352 15.38 -4.24 -3.60
C VAL A 352 16.84 -3.81 -3.71
N ARG A 353 17.67 -4.20 -2.74
CA ARG A 353 19.05 -3.84 -2.77
C ARG A 353 19.73 -4.50 -4.00
N ASP A 354 19.44 -5.76 -4.24
CA ASP A 354 19.99 -6.47 -5.44
C ASP A 354 19.61 -5.74 -6.72
N ALA A 355 18.35 -5.43 -6.89
CA ALA A 355 17.90 -4.75 -8.10
C ALA A 355 18.49 -3.43 -8.29
N MET A 356 18.53 -2.62 -7.22
CA MET A 356 19.13 -1.30 -7.32
C MET A 356 20.58 -1.36 -7.75
N GLY A 357 21.38 -2.25 -7.13
CA GLY A 357 22.75 -2.27 -7.46
C GLY A 357 23.04 -2.81 -8.84
N LEU A 358 22.29 -3.84 -9.24
CA LEU A 358 22.44 -4.36 -10.63
C LEU A 358 22.07 -3.29 -11.64
N ALA A 359 21.22 -2.35 -11.28
CA ALA A 359 20.84 -1.25 -12.13
C ALA A 359 21.70 0.02 -11.99
N GLY A 360 22.74 -0.02 -11.17
CA GLY A 360 23.65 1.05 -11.05
C GLY A 360 23.20 2.16 -10.15
N CYS A 361 22.38 1.83 -9.15
CA CYS A 361 21.77 2.87 -8.32
C CYS A 361 22.21 2.75 -6.87
N GLU A 362 22.92 3.74 -6.37
CA GLU A 362 23.39 3.72 -4.98
C GLU A 362 22.31 4.26 -4.05
N SER A 363 21.26 4.87 -4.58
CA SER A 363 20.21 5.45 -3.78
C SER A 363 18.89 5.37 -4.52
N VAL A 364 17.80 5.50 -3.79
CA VAL A 364 16.47 5.49 -4.41
C VAL A 364 16.35 6.69 -5.39
N GLY A 365 16.90 7.84 -5.04
CA GLY A 365 16.81 8.95 -6.01
C GLY A 365 17.43 8.63 -7.33
N ALA A 366 18.60 7.92 -7.34
CA ALA A 366 19.17 7.46 -8.57
C ALA A 366 18.25 6.51 -9.33
N ALA A 367 17.56 5.63 -8.62
CA ALA A 367 16.64 4.74 -9.25
C ALA A 367 15.49 5.48 -9.94
N ARG A 368 15.04 6.58 -9.36
CA ARG A 368 14.00 7.39 -10.00
C ARG A 368 14.46 8.00 -11.30
N ARG A 369 15.74 8.14 -11.52
CA ARG A 369 16.27 8.70 -12.77
C ARG A 369 16.55 7.61 -13.84
N LEU A 370 16.35 6.34 -13.52
CA LEU A 370 16.45 5.29 -14.52
C LEU A 370 15.39 5.50 -15.59
N ASN A 371 15.74 5.10 -16.81
CA ASN A 371 14.72 5.02 -17.89
C ASN A 371 14.16 3.61 -18.05
N THR A 372 13.00 3.53 -18.67
CA THR A 372 12.28 2.30 -18.91
C THR A 372 11.89 2.15 -20.37
N LYS A 373 11.52 0.92 -20.74
CA LYS A 373 11.02 0.65 -22.13
C LYS A 373 9.88 -0.26 -21.97
N LEU A 374 8.73 0.02 -22.61
CA LEU A 374 7.57 -0.87 -22.55
C LEU A 374 7.73 -1.96 -23.61
N GLY A 375 7.53 -3.23 -23.22
CA GLY A 375 7.76 -4.39 -24.09
C GLY A 375 6.40 -5.02 -24.34
N VAL A 376 6.42 -6.30 -24.71
CA VAL A 376 5.17 -7.06 -24.95
C VAL A 376 4.81 -8.02 -23.78
#